data_5WKJ
#
_entry.id   5WKJ
#
_cell.length_a   101.807
_cell.length_b   58.292
_cell.length_c   49.785
_cell.angle_alpha   90.000
_cell.angle_beta   112.250
_cell.angle_gamma   90.000
#
_symmetry.space_group_name_H-M   'C 1 2 1'
#
loop_
_entity.id
_entity.type
_entity.pdbx_description
1 polymer 'Orf1a protein'
2 non-polymer 'CALCIUM ION'
3 non-polymer '(1R,2S)-2-({N-[(benzyloxy)carbonyl]-L-leucyl}amino)-1-hydroxy-3-[(3S)-2-oxopyrrolidin-3-yl]propane-1-sulfonic acid'
4 non-polymer '(1S,2S)-2-({N-[(benzyloxy)carbonyl]-L-leucyl}amino)-1-hydroxy-3-[(3S)-2-oxopyrrolidin-3-yl]propane-1-sulfonic acid'
5 water water
#
_entity_poly.entity_id   1
_entity_poly.type   'polypeptide(L)'
_entity_poly.pdbx_seq_one_letter_code
;MHHHHHHSGLVKMSHPSGDVEACMVQVTCGSMTLNGLWLDNTVWCPRHVMCPADQLSDPNYDALLISMTNHSFSVQKHIG
APANLRVVGHAMQGTLLKLTVDVANPSTPAYTFTTVKPGAAFSVLACYNGRPTGTFTVVMRPNYTIKGSFLCGSCGSVGY
TKEGSVINFCYMHQMELANGTHTGSAFDGTMYGAFMDKQVHQVQLTDKYCSVNVVAWLYAAILNGCAWFVKPNRTSVVSF
NEWALANQFTEFVGTQSVDMLAVKTGVAIEQLLYAIQQLYTGFQGKQILGSTMLEDEFTPEDVNMQIMGVVMQ
;
_entity_poly.pdbx_strand_id   A
#
# COMPACT_ATOMS: atom_id res chain seq x y z
N HIS A 6 -6.63 -26.11 -12.49
CA HIS A 6 -6.51 -26.20 -11.00
C HIS A 6 -5.81 -24.96 -10.42
N HIS A 7 -4.47 -24.91 -10.41
CA HIS A 7 -3.78 -23.73 -9.87
C HIS A 7 -4.20 -22.46 -10.61
N SER A 8 -4.57 -21.43 -9.83
CA SER A 8 -5.23 -20.24 -10.39
C SER A 8 -4.31 -19.42 -11.27
N GLY A 9 -3.00 -19.60 -11.16
CA GLY A 9 -2.10 -18.70 -11.84
C GLY A 9 -2.04 -17.33 -11.22
N LEU A 10 -2.60 -17.15 -10.02
CA LEU A 10 -2.49 -15.90 -9.27
C LEU A 10 -1.35 -15.96 -8.27
N VAL A 11 -0.46 -14.98 -8.34
CA VAL A 11 0.55 -14.76 -7.32
C VAL A 11 0.47 -13.29 -6.88
N LYS A 12 1.15 -13.02 -5.77
CA LYS A 12 1.39 -11.65 -5.34
C LYS A 12 2.52 -11.11 -6.21
N MET A 13 2.15 -10.25 -7.15
CA MET A 13 3.06 -9.76 -8.17
C MET A 13 3.40 -8.31 -7.84
N SER A 14 4.70 -8.01 -7.76
CA SER A 14 5.17 -6.64 -7.61
C SER A 14 5.75 -6.12 -8.92
N HIS A 15 5.75 -4.81 -9.03
CA HIS A 15 6.45 -4.21 -10.13
C HIS A 15 7.94 -4.54 -9.98
N PRO A 16 8.66 -4.62 -11.09
CA PRO A 16 10.13 -4.68 -10.99
C PRO A 16 10.62 -3.41 -10.30
N SER A 17 11.59 -3.55 -9.40
CA SER A 17 11.93 -2.48 -8.48
C SER A 17 13.17 -1.68 -8.88
N GLY A 18 13.78 -1.99 -10.03
CA GLY A 18 15.03 -1.34 -10.41
C GLY A 18 14.95 0.18 -10.41
N ASP A 19 13.91 0.73 -11.06
CA ASP A 19 13.76 2.18 -11.16
C ASP A 19 13.85 2.86 -9.79
N VAL A 20 13.23 2.24 -8.79
CA VAL A 20 13.09 2.87 -7.49
C VAL A 20 14.32 2.62 -6.66
N GLU A 21 14.88 1.42 -6.78
CA GLU A 21 16.16 1.12 -6.12
C GLU A 21 17.16 2.23 -6.35
N ALA A 22 17.24 2.73 -7.58
CA ALA A 22 18.22 3.76 -7.87
C ALA A 22 17.90 5.09 -7.19
N CYS A 23 16.75 5.21 -6.53
CA CYS A 23 16.32 6.42 -5.87
C CYS A 23 16.49 6.39 -4.35
N MET A 24 16.89 5.26 -3.78
CA MET A 24 16.91 5.11 -2.33
C MET A 24 18.23 5.60 -1.75
N VAL A 25 18.16 6.27 -0.60
CA VAL A 25 19.33 6.82 0.05
C VAL A 25 19.19 6.63 1.56
N GLN A 26 20.28 6.86 2.25
CA GLN A 26 20.30 6.85 3.71
C GLN A 26 20.26 8.28 4.20
N VAL A 27 19.38 8.55 5.14
CA VAL A 27 19.29 9.86 5.80
C VAL A 27 19.62 9.66 7.27
N THR A 28 20.61 10.40 7.75
CA THR A 28 21.02 10.33 9.14
C THR A 28 20.88 11.72 9.75
N CYS A 29 20.33 11.80 10.97
CA CYS A 29 20.20 13.05 11.68
C CYS A 29 20.47 12.70 13.14
N GLY A 30 21.66 13.05 13.61
CA GLY A 30 22.06 12.70 14.97
C GLY A 30 22.16 11.21 15.14
N SER A 31 21.34 10.67 16.04
CA SER A 31 21.37 9.27 16.44
C SER A 31 20.28 8.44 15.79
N MET A 32 19.48 9.03 14.89
CA MET A 32 18.47 8.29 14.17
C MET A 32 18.93 8.17 12.73
N THR A 33 18.65 7.02 12.12
CA THR A 33 18.95 6.82 10.71
C THR A 33 17.80 6.06 10.06
N LEU A 34 17.49 6.42 8.83
CA LEU A 34 16.44 5.71 8.11
C LEU A 34 16.63 6.00 6.62
N ASN A 35 15.63 5.62 5.81
CA ASN A 35 15.71 5.72 4.36
C ASN A 35 15.02 6.97 3.83
N GLY A 36 15.50 7.44 2.68
CA GLY A 36 14.87 8.52 1.96
C GLY A 36 14.75 8.19 0.49
N LEU A 37 13.99 9.02 -0.20
CA LEU A 37 13.74 8.88 -1.63
C LEU A 37 14.26 10.10 -2.36
N TRP A 38 15.24 9.88 -3.24
CA TRP A 38 15.96 10.93 -3.93
C TRP A 38 15.44 11.07 -5.34
N LEU A 39 14.72 12.16 -5.59
CA LEU A 39 14.21 12.51 -6.92
C LEU A 39 14.68 13.91 -7.26
N ASP A 40 15.24 14.09 -8.45
CA ASP A 40 15.71 15.42 -8.87
C ASP A 40 16.64 15.93 -7.76
N ASN A 41 16.46 17.16 -7.26
CA ASN A 41 17.29 17.71 -6.19
C ASN A 41 16.63 17.61 -4.82
N THR A 42 15.62 16.77 -4.67
CA THR A 42 14.91 16.62 -3.40
C THR A 42 15.08 15.21 -2.83
N VAL A 43 15.27 15.11 -1.51
CA VAL A 43 15.26 13.85 -0.76
C VAL A 43 14.11 13.90 0.25
N TRP A 44 13.16 12.99 0.08
CA TRP A 44 12.04 12.83 0.99
C TRP A 44 12.36 11.80 2.06
N CYS A 45 11.93 12.06 3.28
CA CYS A 45 12.13 11.07 4.33
C CYS A 45 11.18 11.37 5.49
N PRO A 46 10.86 10.36 6.31
CA PRO A 46 10.03 10.61 7.50
C PRO A 46 10.66 11.65 8.40
N ARG A 47 9.80 12.50 8.97
CA ARG A 47 10.29 13.55 9.86
C ARG A 47 10.75 13.04 11.21
N HIS A 48 10.30 11.87 11.68
CA HIS A 48 10.82 11.43 12.98
C HIS A 48 12.31 11.06 12.95
N VAL A 49 12.99 11.26 11.82
CA VAL A 49 14.44 11.16 11.82
C VAL A 49 15.05 12.29 12.65
N MET A 50 14.33 13.41 12.75
CA MET A 50 14.78 14.51 13.61
C MET A 50 14.70 14.16 15.08
N CYS A 51 13.95 13.13 15.41
CA CYS A 51 13.53 12.96 16.78
C CYS A 51 14.59 12.17 17.56
N PRO A 52 14.95 12.58 18.78
CA PRO A 52 15.80 11.73 19.61
C PRO A 52 15.03 10.51 20.08
N ALA A 53 15.74 9.38 20.18
CA ALA A 53 15.06 8.12 20.44
C ALA A 53 14.36 8.04 21.79
N ASP A 54 14.45 9.07 22.65
CA ASP A 54 13.76 9.10 23.94
C ASP A 54 12.70 10.19 24.00
N GLN A 55 12.25 10.67 22.84
CA GLN A 55 11.13 11.61 22.77
C GLN A 55 10.11 11.16 21.73
N LEU A 56 10.25 9.94 21.18
CA LEU A 56 9.46 9.46 20.04
C LEU A 56 7.97 9.30 20.34
N SER A 57 7.56 9.31 21.60
CA SER A 57 6.13 9.34 21.94
C SER A 57 5.73 10.78 22.20
N ASP A 58 4.83 11.30 21.38
CA ASP A 58 4.41 12.70 21.48
C ASP A 58 5.59 13.66 21.32
N PRO A 59 6.29 13.64 20.19
CA PRO A 59 7.32 14.66 19.93
C PRO A 59 6.73 15.96 19.40
N ASN A 60 7.47 17.05 19.62
CA ASN A 60 7.15 18.35 19.04
C ASN A 60 8.04 18.56 17.83
N TYR A 61 7.50 18.32 16.65
CA TYR A 61 8.28 18.40 15.42
C TYR A 61 8.52 19.83 14.97
N ASP A 62 7.58 20.74 15.26
CA ASP A 62 7.82 22.15 14.95
C ASP A 62 9.04 22.69 15.68
N ALA A 63 9.20 22.34 16.95
CA ALA A 63 10.40 22.76 17.68
C ALA A 63 11.63 22.03 17.14
N LEU A 64 11.54 20.70 16.97
CA LEU A 64 12.65 19.97 16.39
C LEU A 64 13.10 20.59 15.07
N LEU A 65 12.15 20.91 14.19
CA LEU A 65 12.50 21.49 12.89
C LEU A 65 13.30 22.78 13.06
N ILE A 66 12.83 23.66 13.95
CA ILE A 66 13.52 24.92 14.15
C ILE A 66 14.95 24.66 14.62
N SER A 67 15.15 23.63 15.44
CA SER A 67 16.49 23.35 15.95
C SER A 67 17.45 22.76 14.91
N MET A 68 16.98 22.41 13.73
CA MET A 68 17.83 21.80 12.71
C MET A 68 18.37 22.86 11.77
N THR A 69 19.55 22.58 11.21
CA THR A 69 20.11 23.30 10.09
C THR A 69 20.37 22.30 8.96
N ASN A 70 20.82 22.81 7.81
CA ASN A 70 21.17 21.91 6.71
C ASN A 70 22.23 20.91 7.15
N HIS A 71 23.17 21.35 7.98
CA HIS A 71 24.25 20.49 8.43
C HIS A 71 23.80 19.43 9.44
N SER A 72 22.55 19.50 9.96
CA SER A 72 22.07 18.44 10.85
C SER A 72 21.83 17.13 10.12
N PHE A 73 21.62 17.17 8.80
CA PHE A 73 21.20 16.00 8.05
C PHE A 73 22.36 15.51 7.21
N SER A 74 22.48 14.20 7.14
CA SER A 74 23.53 13.55 6.39
C SER A 74 22.87 12.54 5.47
N VAL A 75 23.10 12.70 4.16
CA VAL A 75 22.45 11.88 3.13
C VAL A 75 23.54 11.15 2.37
N GLN A 76 23.43 9.82 2.29
CA GLN A 76 24.39 8.98 1.60
C GLN A 76 23.69 7.97 0.72
N LYS A 77 24.23 7.81 -0.48
CA LYS A 77 23.83 6.76 -1.42
C LYS A 77 24.86 5.66 -1.37
N HIS A 78 24.41 4.42 -1.23
CA HIS A 78 25.29 3.27 -1.15
C HIS A 78 25.28 2.43 -2.41
N ILE A 79 24.10 2.25 -3.01
CA ILE A 79 23.94 1.48 -4.23
C ILE A 79 24.30 2.35 -5.42
N ALA A 83 27.67 7.60 -2.66
CA ALA A 83 27.88 9.05 -2.69
C ALA A 83 27.54 9.73 -1.37
N ASN A 84 27.86 11.02 -1.33
CA ASN A 84 27.45 11.90 -0.24
C ASN A 84 26.74 13.09 -0.85
N LEU A 85 25.50 13.31 -0.45
CA LEU A 85 24.68 14.37 -1.02
C LEU A 85 24.60 15.49 0.00
N ARG A 86 25.21 16.63 -0.32
CA ARG A 86 25.18 17.78 0.57
C ARG A 86 23.77 18.36 0.64
N VAL A 87 23.24 18.49 1.86
CA VAL A 87 21.93 19.08 2.09
C VAL A 87 22.07 20.59 2.06
N VAL A 88 21.35 21.23 1.16
CA VAL A 88 21.39 22.69 1.06
C VAL A 88 20.06 23.35 1.30
N GLY A 89 19.04 22.59 1.67
CA GLY A 89 17.77 23.17 2.07
C GLY A 89 16.96 22.13 2.82
N HIS A 90 16.09 22.60 3.71
CA HIS A 90 15.29 21.65 4.45
C HIS A 90 13.94 22.25 4.80
N ALA A 91 12.90 21.43 4.66
CA ALA A 91 11.54 21.83 4.96
C ALA A 91 10.74 20.60 5.42
N MET A 92 9.60 20.86 6.03
CA MET A 92 8.72 19.82 6.51
C MET A 92 7.39 19.96 5.80
N GLN A 93 6.88 18.86 5.25
CA GLN A 93 5.49 18.85 4.77
C GLN A 93 4.72 17.72 5.44
N GLY A 94 3.87 18.12 6.36
CA GLY A 94 3.14 17.17 7.17
C GLY A 94 4.11 16.30 7.93
N THR A 95 4.06 14.99 7.67
CA THR A 95 4.89 14.02 8.37
C THR A 95 6.16 13.67 7.60
N LEU A 96 6.47 14.38 6.53
CA LEU A 96 7.70 14.13 5.80
C LEU A 96 8.60 15.35 5.86
N LEU A 97 9.89 15.09 5.72
CA LEU A 97 10.86 16.14 5.44
C LEU A 97 11.14 16.13 3.95
N LYS A 98 11.44 17.32 3.48
CA LYS A 98 11.74 17.56 2.08
C LYS A 98 13.10 18.24 2.13
N LEU A 99 14.15 17.47 1.90
CA LEU A 99 15.52 17.96 1.92
C LEU A 99 15.98 18.26 0.50
N THR A 100 16.55 19.44 0.29
CA THR A 100 17.11 19.82 -1.01
C THR A 100 18.61 19.54 -0.95
N VAL A 101 19.13 18.89 -1.99
CA VAL A 101 20.54 18.53 -2.07
C VAL A 101 21.16 19.18 -3.30
N ASP A 102 22.49 19.31 -3.28
CA ASP A 102 23.18 20.01 -4.36
C ASP A 102 23.17 19.22 -5.67
N VAL A 103 23.07 17.89 -5.62
CA VAL A 103 23.17 17.05 -6.81
C VAL A 103 21.80 16.46 -7.14
N ALA A 104 21.39 16.59 -8.40
CA ALA A 104 20.19 15.95 -8.89
C ALA A 104 20.44 14.50 -9.27
N ASN A 105 19.59 13.62 -8.79
CA ASN A 105 19.62 12.20 -9.13
C ASN A 105 19.58 11.98 -10.65
N PRO A 106 20.68 11.54 -11.27
CA PRO A 106 20.66 11.32 -12.72
C PRO A 106 19.83 10.12 -13.14
N SER A 107 19.35 9.32 -12.21
CA SER A 107 18.45 8.21 -12.53
C SER A 107 17.04 8.45 -11.97
N THR A 108 16.64 9.70 -11.88
CA THR A 108 15.28 10.02 -11.50
C THR A 108 14.33 9.46 -12.54
N PRO A 109 13.42 8.56 -12.19
CA PRO A 109 12.43 8.12 -13.16
C PRO A 109 11.42 9.22 -13.41
N ALA A 110 10.65 9.04 -14.47
CA ALA A 110 9.43 9.79 -14.63
C ALA A 110 8.47 9.34 -13.54
N TYR A 111 7.90 10.30 -12.82
CA TYR A 111 7.13 9.92 -11.65
C TYR A 111 6.07 10.96 -11.38
N THR A 112 5.10 10.55 -10.58
CA THR A 112 4.08 11.38 -9.99
C THR A 112 3.96 10.98 -8.53
N PHE A 113 3.22 11.79 -7.80
CA PHE A 113 2.77 11.48 -6.45
C PHE A 113 1.27 11.30 -6.49
N THR A 114 0.79 10.25 -5.86
CA THR A 114 -0.64 10.01 -5.79
C THR A 114 -0.97 9.37 -4.45
N THR A 115 -2.26 9.30 -4.17
CA THR A 115 -2.79 8.66 -2.98
C THR A 115 -3.44 7.35 -3.39
N VAL A 116 -3.23 6.32 -2.62
CA VAL A 116 -3.85 5.05 -2.94
C VAL A 116 -5.05 4.90 -2.05
N LYS A 117 -6.06 4.22 -2.58
CA LYS A 117 -7.35 4.07 -1.98
C LYS A 117 -7.54 2.67 -1.45
N PRO A 118 -8.37 2.50 -0.43
CA PRO A 118 -8.62 1.17 0.11
C PRO A 118 -8.95 0.16 -0.97
N GLY A 119 -8.38 -1.04 -0.84
CA GLY A 119 -8.56 -2.11 -1.78
C GLY A 119 -7.62 -2.07 -2.97
N ALA A 120 -6.98 -0.94 -3.22
CA ALA A 120 -6.00 -0.87 -4.30
C ALA A 120 -4.67 -1.43 -3.83
N ALA A 121 -3.92 -1.99 -4.78
CA ALA A 121 -2.66 -2.68 -4.56
C ALA A 121 -1.50 -1.77 -4.92
N PHE A 122 -0.39 -1.93 -4.21
CA PHE A 122 0.82 -1.25 -4.62
C PHE A 122 2.02 -2.08 -4.20
N SER A 123 3.15 -1.76 -4.81
CA SER A 123 4.40 -2.46 -4.58
C SER A 123 5.24 -1.65 -3.61
N VAL A 124 5.96 -2.34 -2.73
CA VAL A 124 6.79 -1.74 -1.71
C VAL A 124 8.23 -2.20 -1.91
N LEU A 125 9.17 -1.27 -1.82
CA LEU A 125 10.59 -1.56 -1.74
C LEU A 125 11.06 -1.39 -0.30
N ALA A 126 11.25 -2.50 0.39
CA ALA A 126 11.75 -2.48 1.76
C ALA A 126 13.26 -2.28 1.77
N CYS A 127 13.70 -1.40 2.65
CA CYS A 127 15.06 -0.89 2.64
C CYS A 127 15.54 -0.67 4.06
N TYR A 128 16.85 -0.85 4.25
CA TYR A 128 17.48 -0.71 5.55
C TYR A 128 18.81 -0.04 5.31
N ASN A 129 19.03 1.08 5.99
CA ASN A 129 20.26 1.85 5.84
C ASN A 129 20.47 2.26 4.39
N GLY A 130 19.40 2.57 3.68
CA GLY A 130 19.54 2.98 2.30
C GLY A 130 19.76 1.84 1.34
N ARG A 131 19.69 0.61 1.80
CA ARG A 131 19.99 -0.56 0.97
C ARG A 131 18.71 -1.33 0.71
N PRO A 132 18.18 -1.35 -0.51
CA PRO A 132 16.99 -2.16 -0.79
C PRO A 132 17.22 -3.63 -0.48
N THR A 133 16.31 -4.24 0.29
CA THR A 133 16.50 -5.63 0.69
C THR A 133 15.40 -6.56 0.21
N GLY A 134 14.22 -6.05 -0.08
CA GLY A 134 13.16 -6.90 -0.60
C GLY A 134 12.04 -6.09 -1.20
N THR A 135 11.20 -6.81 -1.93
CA THR A 135 10.01 -6.20 -2.49
C THR A 135 8.82 -7.13 -2.32
N PHE A 136 7.66 -6.51 -2.11
CA PHE A 136 6.41 -7.19 -1.92
C PHE A 136 5.30 -6.25 -2.35
N THR A 137 4.08 -6.79 -2.38
CA THR A 137 2.91 -6.03 -2.82
C THR A 137 1.86 -6.19 -1.74
N VAL A 138 1.10 -5.12 -1.52
CA VAL A 138 0.09 -5.08 -0.49
C VAL A 138 -1.14 -4.37 -1.04
N VAL A 139 -2.26 -4.55 -0.35
CA VAL A 139 -3.50 -3.83 -0.60
C VAL A 139 -3.68 -2.88 0.56
N MET A 140 -4.04 -1.63 0.27
CA MET A 140 -4.41 -0.71 1.36
C MET A 140 -5.69 -1.22 2.02
N ARG A 141 -5.64 -1.55 3.30
CA ARG A 141 -6.84 -2.04 3.95
C ARG A 141 -7.85 -0.91 4.15
N PRO A 142 -9.16 -1.24 4.29
CA PRO A 142 -10.16 -0.21 4.60
C PRO A 142 -9.89 0.62 5.84
N ASN A 143 -9.08 0.13 6.79
CA ASN A 143 -8.71 0.98 7.92
C ASN A 143 -7.38 1.71 7.69
N TYR A 144 -6.92 1.79 6.45
CA TYR A 144 -5.74 2.57 6.10
C TYR A 144 -4.49 2.05 6.82
N THR A 145 -4.43 0.73 6.99
CA THR A 145 -3.20 0.02 7.30
C THR A 145 -2.83 -0.88 6.13
N ILE A 146 -1.60 -1.39 6.16
CA ILE A 146 -1.18 -2.48 5.28
C ILE A 146 -0.62 -3.62 6.09
N LYS A 147 -0.79 -4.83 5.56
CA LYS A 147 -0.23 -6.06 6.11
C LYS A 147 1.14 -6.29 5.47
N GLY A 148 2.13 -5.57 5.99
CA GLY A 148 3.45 -5.60 5.41
C GLY A 148 4.43 -6.41 6.22
N SER A 149 5.70 -6.15 5.96
CA SER A 149 6.80 -6.86 6.60
C SER A 149 7.90 -5.79 6.73
N PHE A 150 7.91 -5.12 7.88
CA PHE A 150 8.83 -4.03 8.18
C PHE A 150 9.47 -4.22 9.53
N LEU A 151 10.78 -3.99 9.61
CA LEU A 151 11.48 -4.05 10.87
C LEU A 151 12.04 -2.68 11.25
N CYS A 152 12.68 -2.63 12.43
CA CYS A 152 13.43 -1.46 12.81
C CYS A 152 14.40 -1.05 11.71
N GLY A 153 14.41 0.26 11.39
CA GLY A 153 15.22 0.79 10.32
C GLY A 153 14.58 0.78 8.93
N SER A 154 13.33 0.37 8.80
CA SER A 154 12.65 0.34 7.52
C SER A 154 11.91 1.62 7.17
N CYS A 155 11.78 2.56 8.10
CA CYS A 155 11.09 3.80 7.78
C CYS A 155 11.77 4.47 6.61
N GLY A 156 10.96 5.09 5.78
CA GLY A 156 11.41 5.68 4.54
C GLY A 156 11.33 4.76 3.35
N SER A 157 11.14 3.45 3.57
CA SER A 157 10.80 2.53 2.49
C SER A 157 9.58 3.07 1.77
N VAL A 158 9.50 2.86 0.45
CA VAL A 158 8.49 3.52 -0.35
C VAL A 158 7.54 2.52 -0.99
N GLY A 159 6.31 2.97 -1.21
CA GLY A 159 5.33 2.25 -1.99
C GLY A 159 4.97 3.02 -3.26
N TYR A 160 4.64 2.26 -4.31
CA TYR A 160 4.47 2.89 -5.61
C TYR A 160 3.62 1.97 -6.48
N THR A 161 2.89 2.57 -7.41
CA THR A 161 2.28 1.88 -8.52
C THR A 161 3.01 2.33 -9.78
N LYS A 162 2.61 1.77 -10.92
CA LYS A 162 3.27 2.09 -12.18
C LYS A 162 2.20 2.18 -13.27
N GLU A 163 2.28 3.21 -14.08
CA GLU A 163 1.46 3.34 -15.29
C GLU A 163 2.42 3.53 -16.44
N GLY A 164 2.60 2.50 -17.25
CA GLY A 164 3.59 2.57 -18.29
C GLY A 164 4.96 2.71 -17.66
N SER A 165 5.71 3.72 -18.10
CA SER A 165 7.01 4.05 -17.51
C SER A 165 6.94 4.98 -16.30
N VAL A 166 5.77 5.49 -15.93
CA VAL A 166 5.68 6.51 -14.89
C VAL A 166 5.47 5.82 -13.55
N ILE A 167 6.32 6.15 -12.59
CA ILE A 167 6.19 5.64 -11.23
C ILE A 167 5.32 6.60 -10.42
N ASN A 168 4.23 6.09 -9.84
CA ASN A 168 3.34 6.88 -8.98
C ASN A 168 3.65 6.49 -7.54
N PHE A 169 4.44 7.34 -6.87
CA PHE A 169 4.77 7.08 -5.47
C PHE A 169 3.56 7.41 -4.59
N CYS A 170 3.21 6.48 -3.71
CA CYS A 170 1.98 6.61 -2.93
C CYS A 170 2.16 6.35 -1.45
N TYR A 171 3.36 5.98 -0.99
CA TYR A 171 3.50 5.52 0.38
C TYR A 171 4.94 5.68 0.82
N MET A 172 5.14 6.20 2.03
CA MET A 172 6.43 6.22 2.65
C MET A 172 6.22 5.70 4.07
N HIS A 173 6.95 4.63 4.41
CA HIS A 173 6.66 3.89 5.62
C HIS A 173 7.01 4.69 6.85
N GLN A 174 6.13 4.64 7.87
CA GLN A 174 6.34 5.35 9.12
C GLN A 174 6.26 4.49 10.38
N MET A 175 5.38 3.48 10.43
CA MET A 175 5.16 2.89 11.74
C MET A 175 4.42 1.57 11.68
N GLU A 176 4.49 0.86 12.81
CA GLU A 176 3.81 -0.41 13.01
C GLU A 176 2.84 -0.28 14.18
N LEU A 177 1.61 -0.74 13.96
CA LEU A 177 0.54 -0.63 14.92
C LEU A 177 0.51 -1.83 15.84
N ALA A 178 -0.29 -1.72 16.91
CA ALA A 178 -0.26 -2.72 17.96
C ALA A 178 -0.57 -4.11 17.44
N ASN A 179 -1.36 -4.21 16.37
CA ASN A 179 -1.78 -5.50 15.85
C ASN A 179 -0.86 -6.02 14.75
N GLY A 180 0.32 -5.42 14.59
CA GLY A 180 1.32 -5.94 13.68
C GLY A 180 1.23 -5.41 12.27
N THR A 181 0.14 -4.73 11.91
CA THR A 181 0.06 -4.05 10.62
C THR A 181 0.81 -2.73 10.65
N HIS A 182 0.80 -2.04 9.51
CA HIS A 182 1.73 -0.97 9.25
C HIS A 182 1.00 0.22 8.60
N THR A 183 1.61 1.39 8.74
CA THR A 183 1.07 2.52 8.01
C THR A 183 2.18 3.53 7.81
N GLY A 184 1.85 4.54 7.03
CA GLY A 184 2.83 5.53 6.60
C GLY A 184 2.10 6.71 5.98
N SER A 185 2.84 7.49 5.21
CA SER A 185 2.25 8.70 4.66
C SER A 185 2.24 8.67 3.13
N ALA A 186 1.39 9.53 2.59
CA ALA A 186 1.45 9.94 1.20
C ALA A 186 2.48 11.04 1.06
N PHE A 187 2.88 11.33 -0.18
CA PHE A 187 3.94 12.31 -0.37
C PHE A 187 3.44 13.74 -0.32
N ASP A 188 2.15 13.95 -0.08
CA ASP A 188 1.67 15.25 0.37
C ASP A 188 1.85 15.43 1.88
N GLY A 189 2.41 14.45 2.59
CA GLY A 189 2.72 14.59 4.00
C GLY A 189 1.65 14.08 4.96
N THR A 190 0.45 13.80 4.48
CA THR A 190 -0.61 13.25 5.31
C THR A 190 -0.34 11.77 5.60
N MET A 191 -0.48 11.38 6.86
CA MET A 191 -0.63 9.97 7.20
C MET A 191 -1.93 9.43 6.64
N TYR A 192 -1.89 8.17 6.19
CA TYR A 192 -3.10 7.47 5.80
C TYR A 192 -4.00 7.27 7.01
N GLY A 193 -5.31 7.36 6.78
CA GLY A 193 -6.26 7.22 7.86
C GLY A 193 -6.15 8.35 8.89
N ALA A 194 -6.56 8.04 10.12
CA ALA A 194 -6.51 8.96 11.25
C ALA A 194 -5.25 8.81 12.08
N PHE A 195 -4.20 8.21 11.54
CA PHE A 195 -3.01 7.91 12.33
C PHE A 195 -2.08 9.11 12.45
N MET A 196 -1.31 9.13 13.54
CA MET A 196 -0.28 10.14 13.78
C MET A 196 1.08 9.47 13.94
N ASP A 197 2.13 10.20 13.55
CA ASP A 197 3.50 9.69 13.60
C ASP A 197 4.10 9.94 14.98
N LYS A 198 3.44 9.32 15.96
CA LYS A 198 3.83 9.37 17.37
C LYS A 198 3.81 7.95 17.91
N GLN A 199 4.78 7.63 18.75
CA GLN A 199 4.86 6.27 19.30
C GLN A 199 4.03 6.18 20.58
N VAL A 200 2.71 6.29 20.41
CA VAL A 200 1.73 6.05 21.46
C VAL A 200 0.66 5.12 20.92
N HIS A 201 -0.05 4.47 21.85
CA HIS A 201 -1.20 3.68 21.46
C HIS A 201 -2.22 4.58 20.77
N GLN A 202 -2.70 4.14 19.63
CA GLN A 202 -3.72 4.85 18.88
C GLN A 202 -4.84 3.89 18.60
N VAL A 203 -6.08 4.39 18.65
CA VAL A 203 -7.21 3.60 18.21
C VAL A 203 -6.93 3.07 16.83
N GLN A 204 -7.28 1.81 16.59
CA GLN A 204 -7.27 1.23 15.26
C GLN A 204 -8.70 0.97 14.86
N LEU A 205 -9.08 1.49 13.70
CA LEU A 205 -10.39 1.20 13.18
C LEU A 205 -10.45 -0.26 12.78
N THR A 206 -11.66 -0.79 12.68
CA THR A 206 -11.79 -2.18 12.24
C THR A 206 -11.51 -2.29 10.76
N ASP A 207 -10.85 -3.37 10.38
CA ASP A 207 -10.67 -3.70 8.98
C ASP A 207 -11.98 -4.24 8.43
N LYS A 208 -12.06 -4.35 7.11
CA LYS A 208 -13.21 -4.92 6.43
C LYS A 208 -12.71 -5.74 5.25
N TYR A 209 -13.56 -6.64 4.78
CA TYR A 209 -13.34 -7.30 3.49
C TYR A 209 -13.56 -6.30 2.38
N CYS A 210 -12.66 -6.29 1.41
CA CYS A 210 -12.81 -5.42 0.24
CA CYS A 210 -12.80 -5.42 0.25
C CYS A 210 -13.68 -6.15 -0.77
N SER A 211 -14.96 -5.81 -0.77
CA SER A 211 -15.97 -6.47 -1.60
C SER A 211 -15.53 -6.59 -3.04
N VAL A 212 -15.00 -5.50 -3.61
CA VAL A 212 -14.67 -5.51 -5.03
C VAL A 212 -13.57 -6.52 -5.30
N ASN A 213 -12.62 -6.66 -4.36
CA ASN A 213 -11.55 -7.64 -4.52
C ASN A 213 -12.06 -9.06 -4.32
N VAL A 214 -13.02 -9.27 -3.44
CA VAL A 214 -13.60 -10.61 -3.31
C VAL A 214 -14.28 -11.01 -4.62
N VAL A 215 -15.04 -10.09 -5.22
CA VAL A 215 -15.69 -10.34 -6.50
C VAL A 215 -14.65 -10.71 -7.55
N ALA A 216 -13.56 -9.94 -7.60
CA ALA A 216 -12.49 -10.24 -8.56
C ALA A 216 -11.98 -11.67 -8.37
N TRP A 217 -11.82 -12.08 -7.12
CA TRP A 217 -11.32 -13.40 -6.79
C TRP A 217 -12.30 -14.48 -7.21
N LEU A 218 -13.58 -14.29 -6.95
CA LEU A 218 -14.59 -15.25 -7.40
C LEU A 218 -14.59 -15.39 -8.91
N TYR A 219 -14.45 -14.27 -9.63
CA TYR A 219 -14.29 -14.35 -11.07
C TYR A 219 -13.07 -15.16 -11.45
N ALA A 220 -11.97 -15.01 -10.69
CA ALA A 220 -10.75 -15.73 -11.01
C ALA A 220 -10.98 -17.23 -10.89
N ALA A 221 -11.76 -17.61 -9.89
CA ALA A 221 -12.18 -19.00 -9.74
C ALA A 221 -12.95 -19.49 -10.96
N ILE A 222 -13.90 -18.68 -11.46
CA ILE A 222 -14.67 -19.05 -12.65
C ILE A 222 -13.75 -19.23 -13.86
N LEU A 223 -12.77 -18.32 -14.01
CA LEU A 223 -11.83 -18.42 -15.12
C LEU A 223 -10.96 -19.66 -15.04
N ASN A 224 -10.87 -20.27 -13.86
CA ASN A 224 -10.14 -21.52 -13.68
C ASN A 224 -11.07 -22.70 -13.47
N GLY A 225 -12.33 -22.57 -13.86
CA GLY A 225 -13.25 -23.69 -13.88
C GLY A 225 -13.96 -24.01 -12.59
N CYS A 226 -13.80 -23.17 -11.56
CA CYS A 226 -14.41 -23.37 -10.25
C CYS A 226 -15.58 -22.42 -10.17
N ALA A 227 -16.81 -22.97 -10.20
CA ALA A 227 -17.99 -22.13 -10.27
C ALA A 227 -19.19 -22.71 -9.50
N TRP A 228 -18.96 -23.60 -8.53
CA TRP A 228 -20.08 -24.24 -7.84
C TRP A 228 -20.91 -23.26 -7.02
N PHE A 229 -20.30 -22.15 -6.58
CA PHE A 229 -20.92 -21.08 -5.80
C PHE A 229 -21.82 -20.15 -6.63
N VAL A 230 -21.79 -20.25 -7.95
CA VAL A 230 -22.60 -19.40 -8.82
C VAL A 230 -24.01 -19.96 -8.91
N LYS A 231 -25.01 -19.13 -8.62
CA LYS A 231 -26.40 -19.49 -8.79
C LYS A 231 -27.11 -18.45 -9.66
N PRO A 232 -28.33 -18.75 -10.12
CA PRO A 232 -29.10 -17.72 -10.82
C PRO A 232 -29.47 -16.58 -9.89
N ASN A 233 -29.52 -16.85 -8.60
CA ASN A 233 -29.85 -15.81 -7.63
C ASN A 233 -28.92 -14.63 -7.78
N ARG A 234 -29.47 -13.44 -7.59
CA ARG A 234 -28.76 -12.18 -7.73
C ARG A 234 -29.10 -11.31 -6.55
N THR A 235 -28.15 -10.45 -6.18
CA THR A 235 -28.36 -9.41 -5.18
C THR A 235 -27.96 -8.08 -5.80
N SER A 236 -28.84 -7.08 -5.70
CA SER A 236 -28.54 -5.78 -6.26
C SER A 236 -27.33 -5.17 -5.55
N VAL A 237 -26.63 -4.29 -6.26
CA VAL A 237 -25.54 -3.53 -5.64
C VAL A 237 -26.07 -2.77 -4.43
N VAL A 238 -27.25 -2.15 -4.56
CA VAL A 238 -27.77 -1.36 -3.45
C VAL A 238 -28.10 -2.27 -2.28
N SER A 239 -28.74 -3.41 -2.55
CA SER A 239 -29.06 -4.36 -1.49
C SER A 239 -27.79 -4.96 -0.85
N PHE A 240 -26.83 -5.38 -1.67
CA PHE A 240 -25.56 -5.85 -1.12
C PHE A 240 -24.97 -4.80 -0.17
N ASN A 241 -24.93 -3.56 -0.62
CA ASN A 241 -24.22 -2.54 0.14
C ASN A 241 -24.88 -2.28 1.49
N GLU A 242 -26.20 -2.38 1.55
CA GLU A 242 -26.86 -2.32 2.85
C GLU A 242 -26.45 -3.52 3.69
N TRP A 243 -26.44 -4.71 3.09
CA TRP A 243 -25.94 -5.89 3.78
C TRP A 243 -24.48 -5.71 4.21
N ALA A 244 -23.63 -5.24 3.29
CA ALA A 244 -22.22 -5.03 3.61
C ALA A 244 -22.03 -4.28 4.91
N LEU A 245 -22.79 -3.20 5.09
CA LEU A 245 -22.55 -2.32 6.24
C LEU A 245 -22.76 -3.05 7.56
N ALA A 246 -23.59 -4.08 7.55
CA ALA A 246 -23.86 -4.84 8.77
C ALA A 246 -22.92 -6.02 8.95
N ASN A 247 -22.04 -6.29 7.98
CA ASN A 247 -21.25 -7.52 8.00
C ASN A 247 -19.77 -7.27 7.72
N GLN A 248 -19.26 -6.06 7.97
CA GLN A 248 -17.83 -5.78 7.87
C GLN A 248 -17.30 -6.03 6.45
N PHE A 249 -18.12 -5.69 5.44
CA PHE A 249 -17.72 -5.60 4.05
C PHE A 249 -17.76 -4.15 3.59
N THR A 250 -16.75 -3.75 2.82
CA THR A 250 -16.85 -2.50 2.06
C THR A 250 -18.07 -2.53 1.14
N GLU A 251 -18.68 -1.37 0.94
CA GLU A 251 -19.65 -1.25 -0.12
C GLU A 251 -18.98 -1.45 -1.49
N PHE A 252 -19.68 -2.14 -2.38
CA PHE A 252 -19.15 -2.45 -3.70
C PHE A 252 -19.41 -1.30 -4.67
N VAL A 253 -18.39 -1.01 -5.47
CA VAL A 253 -18.42 0.02 -6.50
C VAL A 253 -17.80 -0.63 -7.73
N GLY A 254 -18.61 -1.01 -8.69
CA GLY A 254 -18.09 -1.61 -9.89
C GLY A 254 -17.14 -0.71 -10.64
N THR A 255 -16.36 -1.32 -11.53
CA THR A 255 -15.42 -0.61 -12.39
C THR A 255 -15.38 -1.29 -13.74
N GLN A 256 -14.76 -0.62 -14.71
CA GLN A 256 -14.59 -1.20 -16.04
C GLN A 256 -13.81 -2.51 -15.97
N SER A 257 -12.87 -2.63 -15.04
CA SER A 257 -12.09 -3.87 -14.94
C SER A 257 -12.97 -5.01 -14.42
N VAL A 258 -13.91 -4.73 -13.51
CA VAL A 258 -14.81 -5.78 -13.09
C VAL A 258 -15.76 -6.15 -14.22
N ASP A 259 -16.24 -5.16 -14.96
CA ASP A 259 -17.15 -5.43 -16.08
C ASP A 259 -16.51 -6.36 -17.10
N MET A 260 -15.23 -6.14 -17.42
CA MET A 260 -14.53 -7.04 -18.33
C MET A 260 -14.61 -8.48 -17.86
N LEU A 261 -14.50 -8.71 -16.56
CA LEU A 261 -14.55 -10.08 -16.05
C LEU A 261 -15.94 -10.65 -16.18
N ALA A 262 -16.96 -9.82 -15.96
CA ALA A 262 -18.34 -10.26 -16.14
C ALA A 262 -18.60 -10.63 -17.59
N VAL A 263 -18.06 -9.85 -18.52
CA VAL A 263 -18.23 -10.16 -19.94
C VAL A 263 -17.50 -11.45 -20.29
N LYS A 264 -16.27 -11.60 -19.83
CA LYS A 264 -15.49 -12.77 -20.25
C LYS A 264 -16.10 -14.06 -19.70
N THR A 265 -16.64 -14.01 -18.49
CA THR A 265 -17.17 -15.21 -17.86
C THR A 265 -18.64 -15.45 -18.14
N GLY A 266 -19.38 -14.41 -18.53
CA GLY A 266 -20.82 -14.52 -18.60
C GLY A 266 -21.49 -14.69 -17.27
N VAL A 267 -20.85 -14.27 -16.18
CA VAL A 267 -21.47 -14.24 -14.87
C VAL A 267 -21.57 -12.78 -14.42
N ALA A 268 -22.78 -12.39 -14.04
CA ALA A 268 -23.06 -11.03 -13.68
C ALA A 268 -22.58 -10.73 -12.26
N ILE A 269 -22.13 -9.49 -12.06
CA ILE A 269 -21.71 -9.03 -10.74
C ILE A 269 -22.73 -9.44 -9.69
N GLU A 270 -24.01 -9.25 -9.97
CA GLU A 270 -25.01 -9.43 -8.94
C GLU A 270 -25.11 -10.87 -8.49
N GLN A 271 -24.80 -11.81 -9.39
CA GLN A 271 -24.76 -13.21 -9.02
C GLN A 271 -23.64 -13.47 -8.02
N LEU A 272 -22.49 -12.83 -8.22
CA LEU A 272 -21.39 -13.00 -7.28
C LEU A 272 -21.64 -12.25 -5.96
N LEU A 273 -22.38 -11.14 -5.99
CA LEU A 273 -22.73 -10.49 -4.73
C LEU A 273 -23.61 -11.41 -3.87
N TYR A 274 -24.61 -12.03 -4.49
CA TYR A 274 -25.38 -13.06 -3.78
C TYR A 274 -24.47 -14.17 -3.26
N ALA A 275 -23.54 -14.62 -4.10
CA ALA A 275 -22.63 -15.70 -3.69
C ALA A 275 -21.81 -15.30 -2.45
N ILE A 276 -21.29 -14.07 -2.43
CA ILE A 276 -20.54 -13.60 -1.27
C ILE A 276 -21.39 -13.69 -0.01
N GLN A 277 -22.65 -13.26 -0.09
CA GLN A 277 -23.51 -13.29 1.08
C GLN A 277 -23.62 -14.70 1.64
N GLN A 278 -23.79 -15.68 0.74
CA GLN A 278 -23.96 -17.06 1.18
C GLN A 278 -22.64 -17.64 1.67
N LEU A 279 -21.54 -17.35 0.98
CA LEU A 279 -20.21 -17.84 1.39
C LEU A 279 -19.77 -17.26 2.73
N TYR A 280 -20.11 -15.99 3.01
CA TYR A 280 -19.75 -15.38 4.28
C TYR A 280 -20.30 -16.20 5.47
N THR A 281 -21.45 -16.85 5.28
CA THR A 281 -22.01 -17.72 6.31
C THR A 281 -21.32 -19.07 6.38
N GLY A 282 -20.65 -19.50 5.31
CA GLY A 282 -19.89 -20.74 5.36
C GLY A 282 -19.70 -21.36 3.99
N PHE A 283 -18.52 -21.97 3.77
CA PHE A 283 -18.21 -22.67 2.54
C PHE A 283 -18.71 -24.11 2.54
N GLN A 284 -19.21 -24.59 3.67
CA GLN A 284 -19.77 -25.94 3.78
C GLN A 284 -18.76 -26.99 3.33
N GLY A 285 -17.52 -26.83 3.77
CA GLY A 285 -16.45 -27.74 3.44
C GLY A 285 -15.93 -27.67 2.03
N LYS A 286 -16.59 -26.94 1.14
CA LYS A 286 -16.08 -26.79 -0.20
C LYS A 286 -14.92 -25.80 -0.22
N GLN A 287 -14.19 -25.80 -1.31
CA GLN A 287 -13.06 -24.91 -1.46
C GLN A 287 -13.22 -24.05 -2.70
N ILE A 288 -12.62 -22.88 -2.66
CA ILE A 288 -12.54 -21.99 -3.80
C ILE A 288 -11.09 -21.63 -4.00
N LEU A 289 -10.55 -21.96 -5.16
CA LEU A 289 -9.15 -21.70 -5.51
C LEU A 289 -8.24 -22.10 -4.37
N GLY A 290 -8.50 -23.29 -3.83
CA GLY A 290 -7.76 -23.81 -2.71
C GLY A 290 -8.12 -23.26 -1.35
N SER A 291 -8.86 -22.15 -1.29
CA SER A 291 -9.15 -21.47 -0.03
C SER A 291 -10.51 -21.92 0.51
N THR A 292 -10.63 -21.93 1.83
CA THR A 292 -11.92 -22.16 2.47
C THR A 292 -12.48 -20.89 3.09
N MET A 293 -11.93 -19.74 2.72
CA MET A 293 -12.41 -18.45 3.21
C MET A 293 -12.21 -17.40 2.12
N LEU A 294 -13.01 -16.35 2.20
CA LEU A 294 -12.97 -15.31 1.17
C LEU A 294 -11.58 -14.71 1.06
N GLU A 295 -11.24 -14.27 -0.14
CA GLU A 295 -9.94 -13.68 -0.42
CA GLU A 295 -9.94 -13.67 -0.41
C GLU A 295 -10.15 -12.29 -1.02
N ASP A 296 -9.49 -11.28 -0.44
CA ASP A 296 -9.70 -9.90 -0.87
C ASP A 296 -8.38 -9.19 -1.12
N GLU A 297 -7.29 -9.95 -1.27
CA GLU A 297 -5.97 -9.38 -1.53
C GLU A 297 -5.61 -9.37 -3.00
N PHE A 298 -6.50 -9.81 -3.89
CA PHE A 298 -6.31 -9.65 -5.33
C PHE A 298 -7.38 -8.74 -5.91
N THR A 299 -6.95 -7.81 -6.72
CA THR A 299 -7.79 -6.81 -7.34
C THR A 299 -8.30 -7.26 -8.70
N PRO A 300 -9.34 -6.59 -9.21
CA PRO A 300 -9.81 -6.91 -10.58
C PRO A 300 -8.71 -6.74 -11.62
N GLU A 301 -7.84 -5.77 -11.42
CA GLU A 301 -6.74 -5.56 -12.35
C GLU A 301 -5.76 -6.72 -12.28
N ASP A 302 -5.42 -7.20 -11.07
CA ASP A 302 -4.54 -8.36 -10.97
C ASP A 302 -5.10 -9.52 -11.77
N VAL A 303 -6.39 -9.80 -11.60
CA VAL A 303 -7.04 -10.90 -12.30
C VAL A 303 -7.02 -10.67 -13.82
N ASN A 304 -7.32 -9.45 -14.25
CA ASN A 304 -7.29 -9.17 -15.68
C ASN A 304 -5.90 -9.37 -16.26
N MET A 305 -4.87 -8.90 -15.54
CA MET A 305 -3.50 -8.96 -16.06
C MET A 305 -2.97 -10.39 -16.02
N GLN A 306 -3.12 -11.06 -14.89
CA GLN A 306 -2.39 -12.29 -14.69
C GLN A 306 -3.08 -13.49 -15.30
N ILE A 307 -4.42 -13.47 -15.35
CA ILE A 307 -5.16 -14.59 -15.88
C ILE A 307 -5.57 -14.35 -17.34
N MET A 308 -5.95 -13.13 -17.70
CA MET A 308 -6.41 -12.82 -19.05
C MET A 308 -5.38 -12.09 -19.91
N GLY A 309 -4.25 -11.66 -19.35
CA GLY A 309 -3.29 -10.93 -20.13
C GLY A 309 -3.72 -9.56 -20.62
N VAL A 310 -4.71 -8.94 -19.99
CA VAL A 310 -5.22 -7.66 -20.45
C VAL A 310 -4.37 -6.54 -19.88
#